data_6XCD
#
_entry.id   6XCD
#
_cell.length_a   50.849
_cell.length_b   66.878
_cell.length_c   65.132
_cell.angle_alpha   90.000
_cell.angle_beta   98.406
_cell.angle_gamma   90.000
#
_symmetry.space_group_name_H-M   'P 1 21 1'
#
loop_
_entity.id
_entity.type
_entity.pdbx_description
1 polymer 'Botulinum neurotoxin type A'
2 non-polymer 'ZINC ION'
3 non-polymer N-hydroxy-7-sulfanylheptanamide
4 water water
#
_entity_poly.entity_id   1
_entity_poly.type   'polypeptide(L)'
_entity_poly.pdbx_seq_one_letter_code
;HHHHHHSSGLVPRGSHMQFVNKQFNYKDPVNGVDIAYIKIPNVGQMQPVKAFKIHNKIWVIPERDTFTNPEEGDLNPPPE
AKQVPVSYYDSTYLSTDNEKDNYLKGVTKLFERIYSTDLGRMLLTSIVRGIPFWGGSTIDTELKVIDTNCINVIQPDGSY
RSEELNLVIIGPSADIIQFECKSFGHEVLNLTRNGYGSTQYIRFSPDFTFGFEESLEVDTNPLLGAGKFATDPAVTLAHE
LIHAGHRLYGIAINPNRVFKVNTNAYYEMSGLEVSFEELRTFGGHDAKFIDSLQENEFRLYYYNKFKDIASTLNKAKSIV
GTTASLQYMKNVFKEKYLLSEDTSGKFSVDKLKFDKLYKMLTEIYTEDNFVKFFKVLNRKTYLNFDKAVFKINIVPKVNY
TIYDGFNLRNTNLAANFNGQNTEINNMNFTKLKNFTGLFE
;
_entity_poly.pdbx_strand_id   A
#
# COMPACT_ATOMS: atom_id res chain seq x y z
N MET A 17 10.44 16.55 -12.69
CA MET A 17 11.10 15.46 -11.98
C MET A 17 10.30 14.16 -12.11
N GLN A 18 10.96 13.03 -11.88
CA GLN A 18 10.36 11.72 -12.05
C GLN A 18 10.67 10.85 -10.84
N PHE A 19 9.70 10.02 -10.45
CA PHE A 19 9.88 9.14 -9.30
C PHE A 19 10.72 7.92 -9.66
N VAL A 20 10.42 7.29 -10.80
CA VAL A 20 11.18 6.15 -11.30
C VAL A 20 12.03 6.65 -12.45
N ASN A 21 13.34 6.74 -12.22
CA ASN A 21 14.25 7.37 -13.19
C ASN A 21 14.75 6.41 -14.26
N LYS A 22 14.35 5.14 -14.22
CA LYS A 22 14.79 4.16 -15.21
C LYS A 22 13.60 3.35 -15.68
N GLN A 23 13.37 3.34 -16.99
CA GLN A 23 12.31 2.54 -17.62
C GLN A 23 12.81 1.12 -17.74
N PHE A 24 12.53 0.30 -16.72
CA PHE A 24 13.04 -1.06 -16.68
C PHE A 24 12.29 -1.95 -17.66
N ASN A 25 13.03 -2.84 -18.31
CA ASN A 25 12.47 -3.98 -19.01
C ASN A 25 12.76 -5.23 -18.20
N TYR A 26 11.83 -6.18 -18.20
CA TYR A 26 11.99 -7.36 -17.37
C TYR A 26 13.19 -8.20 -17.78
N LYS A 27 13.55 -8.15 -19.06
CA LYS A 27 14.67 -8.92 -19.58
C LYS A 27 16.00 -8.18 -19.46
N ASP A 28 16.04 -7.06 -18.75
CA ASP A 28 17.29 -6.35 -18.54
C ASP A 28 18.24 -7.20 -17.68
N PRO A 29 19.54 -7.17 -17.97
CA PRO A 29 20.48 -8.02 -17.22
C PRO A 29 20.59 -7.59 -15.77
N VAL A 30 20.79 -8.59 -14.91
CA VAL A 30 20.98 -8.33 -13.49
C VAL A 30 22.28 -7.58 -13.27
N ASN A 31 22.31 -6.75 -12.22
CA ASN A 31 23.51 -6.01 -11.87
C ASN A 31 23.83 -6.03 -10.38
N GLY A 32 22.99 -6.67 -9.56
CA GLY A 32 23.24 -6.72 -8.13
C GLY A 32 22.99 -5.44 -7.38
N VAL A 33 22.53 -4.38 -8.05
CA VAL A 33 22.25 -3.10 -7.40
C VAL A 33 20.75 -2.86 -7.39
N ASP A 34 20.20 -2.43 -8.52
CA ASP A 34 18.77 -2.18 -8.64
C ASP A 34 18.06 -3.19 -9.53
N ILE A 35 18.79 -4.11 -10.15
CA ILE A 35 18.23 -5.26 -10.87
C ILE A 35 18.97 -6.48 -10.35
N ALA A 36 18.31 -7.29 -9.52
CA ALA A 36 19.00 -8.38 -8.86
C ALA A 36 18.00 -9.45 -8.45
N TYR A 37 18.52 -10.66 -8.24
CA TYR A 37 17.76 -11.73 -7.61
C TYR A 37 17.85 -11.56 -6.10
N ILE A 38 16.70 -11.64 -5.44
CA ILE A 38 16.62 -11.36 -4.00
C ILE A 38 15.92 -12.50 -3.30
N LYS A 39 16.10 -12.55 -1.98
CA LYS A 39 15.44 -13.51 -1.11
C LYS A 39 14.77 -12.78 0.03
N ILE A 40 13.60 -13.27 0.44
CA ILE A 40 12.87 -12.73 1.58
C ILE A 40 13.39 -13.44 2.82
N PRO A 41 13.83 -12.70 3.85
CA PRO A 41 14.39 -13.37 5.04
C PRO A 41 13.31 -13.92 5.96
N ASN A 42 13.65 -15.05 6.56
CA ASN A 42 12.83 -15.71 7.58
C ASN A 42 11.40 -15.91 7.08
N VAL A 43 11.30 -16.63 5.96
CA VAL A 43 10.03 -16.97 5.35
C VAL A 43 9.79 -18.47 5.34
N GLY A 44 10.85 -19.25 5.13
CA GLY A 44 10.77 -20.62 4.66
C GLY A 44 11.71 -20.64 3.49
N GLN A 45 12.06 -21.81 2.98
CA GLN A 45 13.05 -21.86 1.92
C GLN A 45 12.43 -21.49 0.59
N MET A 46 13.08 -20.58 -0.13
CA MET A 46 12.56 -20.04 -1.38
C MET A 46 13.69 -19.88 -2.39
N GLN A 47 13.30 -19.85 -3.66
CA GLN A 47 14.26 -19.57 -4.71
C GLN A 47 14.36 -18.06 -4.95
N PRO A 48 15.55 -17.54 -5.19
CA PRO A 48 15.69 -16.10 -5.45
C PRO A 48 14.87 -15.68 -6.65
N VAL A 49 14.18 -14.55 -6.52
CA VAL A 49 13.32 -14.03 -7.57
C VAL A 49 13.89 -12.70 -8.06
N LYS A 50 13.65 -12.42 -9.35
CA LYS A 50 14.17 -11.20 -9.95
C LYS A 50 13.36 -10.00 -9.48
N ALA A 51 14.03 -9.02 -8.89
CA ALA A 51 13.39 -7.83 -8.35
C ALA A 51 14.01 -6.58 -8.97
N PHE A 52 13.29 -5.47 -8.86
CA PHE A 52 13.69 -4.20 -9.45
C PHE A 52 13.50 -3.09 -8.44
N LYS A 53 14.55 -2.30 -8.21
CA LYS A 53 14.49 -1.15 -7.31
C LYS A 53 14.14 0.09 -8.14
N ILE A 54 12.87 0.50 -8.09
CA ILE A 54 12.42 1.63 -8.88
C ILE A 54 12.70 2.96 -8.18
N HIS A 55 12.94 2.94 -6.88
CA HIS A 55 13.21 4.16 -6.11
C HIS A 55 13.92 3.75 -4.84
N ASN A 56 14.53 4.74 -4.18
CA ASN A 56 15.18 4.49 -2.90
C ASN A 56 14.18 3.90 -1.90
N LYS A 57 14.54 2.76 -1.32
CA LYS A 57 13.77 2.03 -0.31
C LYS A 57 12.52 1.35 -0.85
N ILE A 58 12.32 1.33 -2.17
CA ILE A 58 11.12 0.76 -2.76
C ILE A 58 11.52 -0.22 -3.85
N TRP A 59 11.05 -1.46 -3.74
CA TRP A 59 11.33 -2.52 -4.71
C TRP A 59 10.03 -3.02 -5.32
N VAL A 60 10.16 -3.70 -6.46
CA VAL A 60 9.03 -4.31 -7.16
C VAL A 60 9.42 -5.73 -7.56
N ILE A 61 8.58 -6.69 -7.20
CA ILE A 61 8.78 -8.09 -7.57
C ILE A 61 7.65 -8.52 -8.49
N PRO A 62 7.88 -8.66 -9.80
CA PRO A 62 6.80 -9.02 -10.74
C PRO A 62 6.49 -10.51 -10.73
N GLU A 63 6.09 -11.02 -9.55
CA GLU A 63 5.76 -12.42 -9.39
C GLU A 63 4.53 -12.53 -8.49
N ARG A 64 3.80 -13.64 -8.65
CA ARG A 64 2.69 -13.93 -7.75
C ARG A 64 3.23 -14.23 -6.35
N ASP A 65 2.58 -13.66 -5.34
CA ASP A 65 3.05 -13.78 -3.97
C ASP A 65 2.74 -15.17 -3.44
N THR A 66 3.74 -16.05 -3.48
CA THR A 66 3.67 -17.37 -2.85
C THR A 66 4.69 -17.50 -1.72
N PHE A 67 5.18 -16.38 -1.18
CA PHE A 67 6.25 -16.38 -0.20
C PHE A 67 5.80 -15.84 1.15
N THR A 68 5.31 -14.59 1.19
CA THR A 68 5.04 -13.90 2.45
C THR A 68 4.19 -14.74 3.39
N ASN A 69 3.37 -15.63 2.85
CA ASN A 69 2.56 -16.52 3.67
C ASN A 69 2.85 -17.96 3.27
N PRO A 70 3.46 -18.78 4.13
CA PRO A 70 3.60 -20.20 3.80
C PRO A 70 2.27 -20.90 3.59
N GLU A 71 1.17 -20.34 4.08
CA GLU A 71 -0.12 -21.01 3.91
C GLU A 71 -0.55 -21.00 2.45
N GLU A 72 -0.48 -19.83 1.80
CA GLU A 72 -0.87 -19.70 0.40
C GLU A 72 0.34 -19.86 -0.52
N GLY A 73 0.81 -21.11 -0.57
CA GLY A 73 1.76 -21.52 -1.57
C GLY A 73 1.05 -22.37 -2.61
N ASP A 74 -0.09 -21.88 -3.08
CA ASP A 74 -0.88 -22.58 -4.11
C ASP A 74 -1.78 -21.54 -4.77
N LEU A 75 -1.63 -21.38 -6.08
CA LEU A 75 -2.39 -20.39 -6.83
C LEU A 75 -3.75 -20.90 -7.27
N ASN A 76 -4.04 -22.19 -7.12
CA ASN A 76 -5.32 -22.73 -7.51
C ASN A 76 -6.36 -22.44 -6.41
N PRO A 77 -7.64 -22.38 -6.78
CA PRO A 77 -8.69 -22.02 -5.80
C PRO A 77 -8.72 -23.01 -4.65
N PRO A 78 -8.95 -22.51 -3.44
CA PRO A 78 -9.08 -23.41 -2.28
C PRO A 78 -10.44 -24.06 -2.26
N PRO A 79 -10.66 -25.06 -1.40
CA PRO A 79 -12.02 -25.57 -1.21
C PRO A 79 -12.90 -24.49 -0.61
N GLU A 80 -13.99 -24.15 -1.32
CA GLU A 80 -14.84 -23.04 -0.92
C GLU A 80 -15.37 -23.19 0.50
N ALA A 81 -14.52 -22.93 1.49
CA ALA A 81 -14.93 -22.93 2.88
C ALA A 81 -14.85 -21.55 3.50
N LYS A 82 -13.73 -20.85 3.30
CA LYS A 82 -13.56 -19.45 3.67
C LYS A 82 -13.58 -18.53 2.46
N GLN A 83 -14.15 -19.00 1.34
CA GLN A 83 -14.11 -18.28 0.08
C GLN A 83 -15.07 -17.09 0.10
N VAL A 84 -14.67 -16.03 -0.62
CA VAL A 84 -15.42 -14.78 -0.68
C VAL A 84 -16.21 -14.73 -1.98
N PRO A 85 -17.44 -14.21 -1.97
CA PRO A 85 -18.15 -14.01 -3.25
C PRO A 85 -17.42 -13.07 -4.19
N VAL A 86 -16.77 -12.03 -3.65
CA VAL A 86 -15.97 -11.11 -4.46
C VAL A 86 -14.58 -11.71 -4.54
N SER A 87 -14.37 -12.58 -5.53
CA SER A 87 -13.11 -13.26 -5.73
C SER A 87 -12.91 -13.54 -7.20
N TYR A 88 -11.65 -13.72 -7.59
CA TYR A 88 -11.30 -14.08 -8.96
C TYR A 88 -10.00 -14.85 -8.94
N TYR A 89 -9.96 -15.99 -9.64
CA TYR A 89 -8.81 -16.87 -9.64
C TYR A 89 -8.33 -17.12 -11.06
N ASP A 90 -7.01 -17.13 -11.24
CA ASP A 90 -6.40 -17.47 -12.53
C ASP A 90 -4.94 -17.82 -12.23
N SER A 91 -4.65 -19.13 -12.20
CA SER A 91 -3.32 -19.60 -11.82
C SER A 91 -2.27 -19.24 -12.87
N THR A 92 -2.67 -18.88 -14.09
CA THR A 92 -1.72 -18.60 -15.15
C THR A 92 -1.32 -17.14 -15.24
N TYR A 93 -2.03 -16.23 -14.57
CA TYR A 93 -1.70 -14.82 -14.66
C TYR A 93 -0.32 -14.56 -14.06
N LEU A 94 0.45 -13.71 -14.74
CA LEU A 94 1.78 -13.29 -14.27
C LEU A 94 2.73 -14.49 -14.18
N SER A 95 2.73 -15.31 -15.23
CA SER A 95 3.63 -16.45 -15.33
C SER A 95 4.61 -16.38 -16.48
N THR A 96 4.36 -15.55 -17.48
CA THR A 96 5.24 -15.40 -18.64
C THR A 96 6.08 -14.14 -18.51
N ASP A 97 7.17 -14.10 -19.28
CA ASP A 97 8.08 -12.96 -19.24
C ASP A 97 7.42 -11.70 -19.79
N ASN A 98 6.53 -11.85 -20.78
CA ASN A 98 5.83 -10.68 -21.31
C ASN A 98 4.86 -10.09 -20.29
N GLU A 99 4.21 -10.96 -19.51
CA GLU A 99 3.31 -10.47 -18.46
C GLU A 99 4.08 -9.71 -17.38
N LYS A 100 5.21 -10.26 -16.95
CA LYS A 100 6.01 -9.58 -15.94
C LYS A 100 6.60 -8.27 -16.46
N ASP A 101 6.89 -8.20 -17.77
CA ASP A 101 7.36 -6.96 -18.36
C ASP A 101 6.27 -5.89 -18.33
N ASN A 102 5.04 -6.25 -18.68
CA ASN A 102 3.95 -5.29 -18.65
C ASN A 102 3.53 -4.95 -17.23
N TYR A 103 3.65 -5.91 -16.31
CA TYR A 103 3.41 -5.63 -14.89
C TYR A 103 4.37 -4.56 -14.38
N LEU A 104 5.65 -4.68 -14.73
CA LEU A 104 6.65 -3.71 -14.29
C LEU A 104 6.39 -2.34 -14.88
N LYS A 105 6.02 -2.28 -16.17
CA LYS A 105 5.72 -1.00 -16.78
C LYS A 105 4.40 -0.42 -16.27
N GLY A 106 3.47 -1.27 -15.87
CA GLY A 106 2.21 -0.78 -15.34
C GLY A 106 2.36 -0.19 -13.95
N VAL A 107 3.08 -0.89 -13.07
CA VAL A 107 3.33 -0.36 -11.72
C VAL A 107 4.17 0.90 -11.81
N THR A 108 5.13 0.94 -12.75
CA THR A 108 5.93 2.14 -12.95
C THR A 108 5.05 3.31 -13.36
N LYS A 109 4.11 3.09 -14.28
CA LYS A 109 3.26 4.16 -14.76
C LYS A 109 2.36 4.69 -13.66
N LEU A 110 1.87 3.82 -12.77
CA LEU A 110 0.98 4.27 -11.71
C LEU A 110 1.73 5.07 -10.65
N PHE A 111 2.99 4.72 -10.39
CA PHE A 111 3.77 5.51 -9.42
C PHE A 111 4.04 6.91 -9.95
N GLU A 112 4.26 7.05 -11.25
CA GLU A 112 4.46 8.38 -11.83
C GLU A 112 3.16 9.17 -11.83
N ARG A 113 2.03 8.50 -12.05
CA ARG A 113 0.75 9.18 -12.01
C ARG A 113 0.45 9.71 -10.62
N ILE A 114 0.77 8.92 -9.59
CA ILE A 114 0.63 9.38 -8.22
C ILE A 114 1.61 10.52 -7.94
N TYR A 115 2.85 10.37 -8.39
CA TYR A 115 3.87 11.40 -8.16
C TYR A 115 3.60 12.67 -8.96
N SER A 116 2.73 12.62 -9.97
CA SER A 116 2.47 13.84 -10.73
C SER A 116 1.55 14.81 -10.00
N THR A 117 1.07 14.46 -8.80
CA THR A 117 0.21 15.32 -8.01
C THR A 117 0.91 15.71 -6.72
N ASP A 118 0.56 16.88 -6.19
CA ASP A 118 1.16 17.34 -4.94
C ASP A 118 0.86 16.38 -3.81
N LEU A 119 -0.36 15.88 -3.74
CA LEU A 119 -0.73 14.94 -2.68
C LEU A 119 0.06 13.64 -2.80
N GLY A 120 0.24 13.15 -4.03
CA GLY A 120 1.03 11.95 -4.24
C GLY A 120 2.51 12.15 -3.99
N ARG A 121 3.04 13.33 -4.31
CA ARG A 121 4.42 13.62 -3.98
C ARG A 121 4.64 13.69 -2.47
N MET A 122 3.65 14.19 -1.74
CA MET A 122 3.78 14.24 -0.29
C MET A 122 3.70 12.85 0.32
N LEU A 123 2.77 12.02 -0.16
CA LEU A 123 2.62 10.67 0.39
C LEU A 123 3.84 9.82 0.09
N LEU A 124 4.34 9.87 -1.14
CA LEU A 124 5.51 9.09 -1.50
C LEU A 124 6.76 9.57 -0.74
N THR A 125 6.83 10.87 -0.45
CA THR A 125 7.95 11.37 0.35
C THR A 125 7.90 10.81 1.77
N SER A 126 6.71 10.81 2.39
CA SER A 126 6.58 10.28 3.74
C SER A 126 6.86 8.78 3.80
N ILE A 127 6.57 8.05 2.71
CA ILE A 127 6.83 6.62 2.69
C ILE A 127 8.33 6.35 2.64
N VAL A 128 9.07 7.14 1.87
CA VAL A 128 10.52 6.96 1.77
C VAL A 128 11.18 7.30 3.11
N ARG A 129 10.70 8.34 3.79
CA ARG A 129 11.26 8.73 5.07
C ARG A 129 10.80 7.83 6.21
N GLY A 130 9.75 7.03 6.00
CA GLY A 130 9.24 6.17 7.03
C GLY A 130 10.08 4.92 7.24
N ILE A 131 11.33 5.10 7.61
CA ILE A 131 12.23 3.95 7.85
C ILE A 131 11.73 3.18 9.08
N PRO A 132 11.57 1.86 9.00
CA PRO A 132 11.21 1.09 10.19
C PRO A 132 12.23 1.29 11.30
N PHE A 133 11.72 1.41 12.52
CA PHE A 133 12.56 1.79 13.66
C PHE A 133 13.58 0.71 13.97
N TRP A 134 14.73 1.15 14.49
CA TRP A 134 15.81 0.25 14.89
C TRP A 134 15.67 -0.13 16.36
N GLY A 135 14.65 -0.93 16.64
CA GLY A 135 14.40 -1.36 18.00
C GLY A 135 14.53 -2.86 18.19
N GLY A 136 15.57 -3.46 17.62
CA GLY A 136 15.77 -4.88 17.69
C GLY A 136 16.67 -5.35 18.81
N SER A 137 17.17 -4.45 19.63
CA SER A 137 18.15 -4.77 20.66
C SER A 137 17.44 -5.05 21.98
N THR A 138 17.89 -6.09 22.67
CA THR A 138 17.41 -6.35 24.03
C THR A 138 18.22 -5.61 25.09
N ILE A 139 19.23 -4.84 24.69
CA ILE A 139 20.04 -4.05 25.60
C ILE A 139 19.69 -2.59 25.36
N ASP A 140 19.27 -1.90 26.42
CA ASP A 140 18.70 -0.55 26.27
C ASP A 140 19.71 0.42 25.68
N THR A 141 20.99 0.24 25.98
CA THR A 141 21.97 1.24 25.60
C THR A 141 22.41 1.12 24.13
N GLU A 142 22.00 0.08 23.43
CA GLU A 142 22.51 -0.17 22.09
C GLU A 142 21.35 -0.17 21.09
N LEU A 143 21.55 0.48 19.95
CA LEU A 143 20.56 0.53 18.87
C LEU A 143 20.87 -0.55 17.85
N LYS A 144 19.85 -1.30 17.44
CA LYS A 144 20.07 -2.40 16.49
C LYS A 144 18.87 -2.51 15.56
N VAL A 145 19.14 -2.88 14.30
CA VAL A 145 18.09 -3.05 13.32
C VAL A 145 17.27 -4.29 13.63
N ILE A 146 16.05 -4.32 13.11
CA ILE A 146 15.18 -5.49 13.18
C ILE A 146 15.35 -6.25 11.86
N ASP A 147 15.69 -7.54 11.97
CA ASP A 147 16.16 -8.30 10.81
C ASP A 147 15.10 -8.39 9.72
N THR A 148 13.83 -8.50 10.10
CA THR A 148 12.76 -8.72 9.13
C THR A 148 12.37 -7.45 8.37
N ASN A 149 13.19 -6.40 8.41
CA ASN A 149 12.93 -5.17 7.68
C ASN A 149 13.88 -4.99 6.50
N CYS A 150 14.52 -6.07 6.05
CA CYS A 150 15.46 -5.99 4.93
C CYS A 150 15.23 -7.18 4.01
N ILE A 151 15.91 -7.15 2.86
CA ILE A 151 15.93 -8.26 1.93
C ILE A 151 17.37 -8.64 1.67
N ASN A 152 17.56 -9.85 1.13
CA ASN A 152 18.89 -10.36 0.81
C ASN A 152 19.11 -10.26 -0.69
N VAL A 153 20.09 -9.45 -1.10
CA VAL A 153 20.37 -9.19 -2.50
C VAL A 153 21.61 -9.98 -2.91
N ILE A 154 21.50 -10.74 -4.00
CA ILE A 154 22.63 -11.50 -4.53
C ILE A 154 23.53 -10.55 -5.31
N GLN A 155 24.78 -10.44 -4.87
CA GLN A 155 25.75 -9.54 -5.48
C GLN A 155 26.40 -10.20 -6.69
N PRO A 156 27.09 -9.42 -7.54
CA PRO A 156 27.67 -10.01 -8.77
C PRO A 156 28.77 -11.03 -8.52
N ASP A 157 28.92 -11.50 -7.28
CA ASP A 157 29.87 -12.57 -6.96
C ASP A 157 29.19 -13.76 -6.29
N GLY A 158 27.87 -13.84 -6.38
CA GLY A 158 27.12 -14.93 -5.79
C GLY A 158 26.84 -14.80 -4.32
N SER A 159 27.43 -13.82 -3.64
CA SER A 159 27.22 -13.64 -2.22
C SER A 159 25.98 -12.78 -1.95
N TYR A 160 25.43 -12.94 -0.75
CA TYR A 160 24.27 -12.18 -0.32
C TYR A 160 24.71 -10.98 0.51
N ARG A 161 23.93 -9.91 0.43
CA ARG A 161 24.10 -8.75 1.30
C ARG A 161 22.72 -8.24 1.70
N SER A 162 22.59 -7.82 2.95
CA SER A 162 21.32 -7.34 3.46
C SER A 162 21.17 -5.85 3.19
N GLU A 163 19.97 -5.45 2.79
CA GLU A 163 19.68 -4.06 2.46
C GLU A 163 18.30 -3.70 3.00
N GLU A 164 18.25 -2.67 3.83
CA GLU A 164 16.97 -2.22 4.38
C GLU A 164 16.09 -1.66 3.27
N LEU A 165 14.79 -1.68 3.51
CA LEU A 165 13.81 -1.17 2.55
C LEU A 165 12.49 -0.96 3.27
N ASN A 166 11.66 -0.10 2.68
CA ASN A 166 10.36 0.25 3.25
C ASN A 166 9.20 -0.42 2.55
N LEU A 167 9.26 -0.55 1.22
CA LEU A 167 8.11 -0.94 0.42
C LEU A 167 8.49 -2.00 -0.59
N VAL A 168 7.61 -2.97 -0.79
CA VAL A 168 7.74 -3.97 -1.85
C VAL A 168 6.39 -4.12 -2.53
N ILE A 169 6.35 -3.91 -3.84
CA ILE A 169 5.16 -4.15 -4.64
C ILE A 169 5.30 -5.52 -5.28
N ILE A 170 4.37 -6.43 -4.96
CA ILE A 170 4.41 -7.81 -5.43
C ILE A 170 3.05 -8.17 -6.01
N GLY A 171 3.05 -9.18 -6.88
CA GLY A 171 1.82 -9.66 -7.47
C GLY A 171 0.93 -10.33 -6.46
N PRO A 172 -0.34 -10.53 -6.81
CA PRO A 172 -1.29 -11.13 -5.87
C PRO A 172 -1.04 -12.62 -5.71
N SER A 173 -1.66 -13.19 -4.67
CA SER A 173 -1.59 -14.63 -4.44
C SER A 173 -2.69 -15.34 -5.22
N ALA A 174 -3.33 -16.33 -4.59
CA ALA A 174 -4.34 -17.12 -5.26
C ALA A 174 -5.51 -16.25 -5.72
N ASP A 175 -6.08 -15.48 -4.80
CA ASP A 175 -7.16 -14.56 -5.15
C ASP A 175 -6.54 -13.30 -5.76
N ILE A 176 -6.82 -13.09 -7.05
CA ILE A 176 -6.13 -12.04 -7.80
C ILE A 176 -6.52 -10.66 -7.28
N ILE A 177 -7.78 -10.47 -6.91
CA ILE A 177 -8.32 -9.14 -6.64
C ILE A 177 -8.26 -8.77 -5.16
N GLN A 178 -7.62 -9.59 -4.33
CA GLN A 178 -7.47 -9.26 -2.91
C GLN A 178 -6.13 -8.56 -2.72
N PHE A 179 -6.14 -7.24 -2.86
CA PHE A 179 -4.93 -6.43 -2.67
C PHE A 179 -4.77 -6.19 -1.17
N GLU A 180 -3.77 -6.81 -0.57
CA GLU A 180 -3.59 -6.78 0.88
C GLU A 180 -2.16 -6.40 1.22
N CYS A 181 -2.01 -5.60 2.28
CA CYS A 181 -0.71 -5.33 2.86
C CYS A 181 -0.27 -6.51 3.72
N LYS A 182 0.98 -6.92 3.58
CA LYS A 182 1.55 -8.00 4.37
C LYS A 182 2.91 -7.56 4.91
N SER A 183 3.13 -7.75 6.20
CA SER A 183 4.39 -7.43 6.84
C SER A 183 4.70 -8.49 7.89
N PHE A 184 5.99 -8.69 8.14
CA PHE A 184 6.42 -9.70 9.09
C PHE A 184 6.34 -9.15 10.52
N GLY A 185 5.79 -9.96 11.41
CA GLY A 185 5.50 -9.53 12.76
C GLY A 185 6.60 -9.83 13.75
N HIS A 186 6.22 -9.84 15.02
CA HIS A 186 7.14 -10.03 16.14
C HIS A 186 6.34 -10.60 17.28
N GLU A 187 6.95 -11.50 18.04
CA GLU A 187 6.29 -12.08 19.20
C GLU A 187 6.44 -11.22 20.45
N VAL A 188 6.93 -9.98 20.31
CA VAL A 188 7.12 -9.11 21.46
C VAL A 188 6.57 -7.72 21.18
N LEU A 189 6.55 -7.32 19.91
CA LEU A 189 6.11 -5.98 19.52
C LEU A 189 5.14 -6.05 18.36
N ASN A 190 4.10 -5.21 18.42
CA ASN A 190 3.21 -4.98 17.28
C ASN A 190 3.79 -3.82 16.48
N LEU A 191 4.63 -4.18 15.50
CA LEU A 191 5.42 -3.17 14.79
C LEU A 191 4.55 -2.19 14.02
N THR A 192 3.38 -2.64 13.57
CA THR A 192 2.48 -1.77 12.80
C THR A 192 1.59 -0.92 13.69
N ARG A 193 1.64 -1.10 15.01
CA ARG A 193 0.77 -0.36 15.92
C ARG A 193 1.51 0.23 17.12
N ASN A 194 2.82 0.08 17.22
CA ASN A 194 3.59 0.63 18.33
C ASN A 194 4.49 1.78 17.90
N GLY A 195 4.28 2.34 16.72
CA GLY A 195 5.08 3.44 16.23
C GLY A 195 6.38 3.06 15.56
N TYR A 196 6.79 1.80 15.65
CA TYR A 196 8.07 1.38 15.07
C TYR A 196 7.99 1.35 13.55
N GLY A 197 7.00 0.65 13.01
CA GLY A 197 6.90 0.44 11.59
C GLY A 197 7.60 -0.83 11.13
N SER A 198 7.26 -1.25 9.91
CA SER A 198 7.84 -2.48 9.36
C SER A 198 7.78 -2.39 7.84
N THR A 199 8.63 -3.19 7.20
CA THR A 199 8.63 -3.28 5.75
C THR A 199 7.30 -3.84 5.26
N GLN A 200 6.67 -3.16 4.30
CA GLN A 200 5.34 -3.48 3.83
C GLN A 200 5.41 -4.14 2.46
N TYR A 201 4.76 -5.31 2.34
CA TYR A 201 4.65 -6.04 1.08
C TYR A 201 3.21 -5.88 0.59
N ILE A 202 3.05 -5.17 -0.53
CA ILE A 202 1.73 -4.86 -1.08
C ILE A 202 1.46 -5.80 -2.25
N ARG A 203 0.42 -6.60 -2.14
CA ARG A 203 -0.06 -7.38 -3.27
C ARG A 203 -0.93 -6.48 -4.14
N PHE A 204 -0.57 -6.34 -5.40
CA PHE A 204 -1.24 -5.40 -6.28
C PHE A 204 -1.02 -5.84 -7.73
N SER A 205 -1.98 -5.46 -8.59
CA SER A 205 -1.89 -5.74 -10.01
C SER A 205 -2.45 -4.55 -10.78
N PRO A 206 -1.71 -4.02 -11.76
CA PRO A 206 -2.24 -2.97 -12.62
C PRO A 206 -3.03 -3.48 -13.82
N ASP A 207 -3.19 -4.80 -13.96
CA ASP A 207 -3.85 -5.40 -15.10
C ASP A 207 -5.32 -5.70 -14.85
N PHE A 208 -5.84 -5.37 -13.67
CA PHE A 208 -7.24 -5.57 -13.34
C PHE A 208 -7.77 -4.34 -12.63
N THR A 209 -9.07 -4.11 -12.76
CA THR A 209 -9.72 -3.02 -12.06
C THR A 209 -11.17 -3.37 -11.81
N PHE A 210 -11.80 -2.64 -10.90
CA PHE A 210 -13.16 -2.91 -10.46
C PHE A 210 -14.13 -1.91 -11.06
N GLY A 211 -15.38 -2.34 -11.21
CA GLY A 211 -16.45 -1.49 -11.71
C GLY A 211 -17.36 -1.04 -10.57
N PHE A 212 -17.81 0.21 -10.66
CA PHE A 212 -18.71 0.79 -9.68
C PHE A 212 -19.85 1.49 -10.40
N GLU A 213 -20.88 1.86 -9.63
CA GLU A 213 -22.05 2.52 -10.18
C GLU A 213 -22.01 4.01 -9.85
N GLU A 214 -22.49 4.83 -10.79
CA GLU A 214 -22.35 6.28 -10.70
C GLU A 214 -23.38 6.92 -9.77
N SER A 215 -24.45 6.21 -9.43
CA SER A 215 -25.46 6.73 -8.51
C SER A 215 -25.32 6.04 -7.16
N LEU A 216 -25.37 6.84 -6.09
CA LEU A 216 -25.10 6.32 -4.75
C LEU A 216 -26.12 5.26 -4.35
N GLU A 217 -27.39 5.45 -4.73
CA GLU A 217 -28.43 4.49 -4.36
C GLU A 217 -28.20 3.13 -5.03
N VAL A 218 -27.64 3.13 -6.24
CA VAL A 218 -27.42 1.86 -6.94
C VAL A 218 -26.09 1.24 -6.52
N ASP A 219 -25.06 2.07 -6.29
CA ASP A 219 -23.75 1.53 -5.95
C ASP A 219 -23.77 0.85 -4.58
N THR A 220 -24.54 1.40 -3.64
CA THR A 220 -24.64 0.84 -2.30
C THR A 220 -25.75 -0.20 -2.17
N ASN A 221 -26.35 -0.61 -3.29
CA ASN A 221 -27.35 -1.68 -3.28
C ASN A 221 -26.74 -2.96 -3.81
N PRO A 222 -26.86 -4.08 -3.09
CA PRO A 222 -26.19 -5.31 -3.53
C PRO A 222 -26.86 -6.02 -4.70
N LEU A 223 -28.05 -5.58 -5.13
CA LEU A 223 -28.79 -6.26 -6.17
C LEU A 223 -28.79 -5.52 -7.51
N LEU A 224 -28.27 -4.30 -7.57
CA LEU A 224 -28.37 -3.48 -8.76
C LEU A 224 -27.00 -3.07 -9.26
N GLY A 225 -26.91 -2.84 -10.58
CA GLY A 225 -25.69 -2.35 -11.19
C GLY A 225 -24.82 -3.43 -11.79
N ALA A 226 -24.26 -3.16 -12.96
CA ALA A 226 -23.33 -4.08 -13.61
C ALA A 226 -21.89 -3.59 -13.59
N GLY A 227 -21.65 -2.36 -13.10
CA GLY A 227 -20.30 -1.81 -13.10
C GLY A 227 -20.01 -1.00 -14.36
N LYS A 228 -20.79 0.07 -14.56
CA LYS A 228 -20.65 0.85 -15.79
C LYS A 228 -19.32 1.60 -15.83
N PHE A 229 -18.88 2.16 -14.71
CA PHE A 229 -17.66 2.93 -14.64
C PHE A 229 -16.57 2.13 -13.96
N ALA A 230 -15.34 2.27 -14.44
CA ALA A 230 -14.20 1.52 -13.93
C ALA A 230 -13.35 2.40 -13.01
N THR A 231 -12.90 1.81 -11.91
CA THR A 231 -12.03 2.51 -10.98
C THR A 231 -10.65 2.72 -11.59
N ASP A 232 -10.12 3.93 -11.45
CA ASP A 232 -8.77 4.22 -11.89
C ASP A 232 -7.79 3.45 -11.02
N PRO A 233 -6.93 2.60 -11.58
CA PRO A 233 -6.00 1.83 -10.73
C PRO A 233 -5.02 2.68 -9.95
N ALA A 234 -4.81 3.94 -10.36
CA ALA A 234 -3.97 4.83 -9.57
C ALA A 234 -4.61 5.11 -8.21
N VAL A 235 -5.93 5.21 -8.17
CA VAL A 235 -6.63 5.37 -6.90
C VAL A 235 -6.48 4.12 -6.03
N THR A 236 -6.59 2.94 -6.65
CA THR A 236 -6.46 1.70 -5.92
C THR A 236 -5.07 1.55 -5.31
N LEU A 237 -4.03 1.87 -6.08
CA LEU A 237 -2.67 1.77 -5.56
C LEU A 237 -2.42 2.79 -4.45
N ALA A 238 -2.89 4.03 -4.65
CA ALA A 238 -2.76 5.04 -3.60
C ALA A 238 -3.45 4.61 -2.32
N HIS A 239 -4.62 3.96 -2.45
CA HIS A 239 -5.34 3.47 -1.28
C HIS A 239 -4.47 2.50 -0.48
N GLU A 240 -3.79 1.58 -1.18
CA GLU A 240 -2.91 0.64 -0.49
C GLU A 240 -1.70 1.35 0.09
N LEU A 241 -1.17 2.35 -0.62
CA LEU A 241 -0.02 3.09 -0.11
C LEU A 241 -0.37 3.87 1.15
N ILE A 242 -1.63 4.30 1.27
CA ILE A 242 -2.05 4.99 2.50
C ILE A 242 -2.01 4.03 3.67
N HIS A 243 -2.46 2.78 3.47
CA HIS A 243 -2.32 1.76 4.50
C HIS A 243 -0.84 1.55 4.85
N ALA A 244 0.02 1.48 3.83
CA ALA A 244 1.44 1.26 4.08
C ALA A 244 2.05 2.43 4.86
N GLY A 245 1.60 3.65 4.58
CA GLY A 245 2.07 4.79 5.34
C GLY A 245 1.72 4.70 6.82
N HIS A 246 0.48 4.28 7.12
CA HIS A 246 0.09 4.07 8.51
C HIS A 246 0.95 2.99 9.17
N ARG A 247 1.19 1.89 8.46
CA ARG A 247 1.94 0.79 9.05
C ARG A 247 3.43 1.11 9.14
N LEU A 248 3.96 1.90 8.20
CA LEU A 248 5.38 2.26 8.25
C LEU A 248 5.67 3.20 9.40
N TYR A 249 4.68 3.97 9.86
CA TYR A 249 4.83 4.82 11.02
C TYR A 249 4.22 4.19 12.27
N GLY A 250 3.74 2.95 12.18
CA GLY A 250 3.25 2.23 13.35
C GLY A 250 2.04 2.84 13.99
N ILE A 251 1.15 3.46 13.21
CA ILE A 251 -0.04 4.09 13.77
C ILE A 251 -1.30 3.48 13.15
N ALA A 252 -1.20 2.24 12.70
CA ALA A 252 -2.36 1.55 12.16
C ALA A 252 -3.29 1.12 13.30
N ILE A 253 -4.59 1.23 13.05
CA ILE A 253 -5.57 0.84 14.05
C ILE A 253 -5.79 -0.66 13.98
N ASN A 254 -5.90 -1.29 15.15
CA ASN A 254 -6.11 -2.73 15.22
C ASN A 254 -7.36 -3.11 14.44
N PRO A 255 -7.29 -4.12 13.56
CA PRO A 255 -8.47 -4.49 12.76
C PRO A 255 -9.65 -4.98 13.58
N ASN A 256 -9.48 -5.21 14.88
CA ASN A 256 -10.61 -5.62 15.70
C ASN A 256 -11.58 -4.47 15.92
N ARG A 257 -11.05 -3.24 16.05
CA ARG A 257 -11.89 -2.06 16.16
C ARG A 257 -12.67 -1.86 14.86
N VAL A 258 -13.99 -2.03 14.93
CA VAL A 258 -14.84 -2.02 13.75
C VAL A 258 -16.04 -1.12 13.99
N PHE A 259 -16.62 -0.67 12.89
CA PHE A 259 -17.89 0.07 12.89
C PHE A 259 -18.95 -0.85 12.31
N LYS A 260 -19.84 -1.35 13.17
CA LYS A 260 -20.95 -2.18 12.69
C LYS A 260 -21.94 -1.26 11.98
N VAL A 261 -21.98 -1.36 10.65
CA VAL A 261 -22.67 -0.41 9.80
C VAL A 261 -24.15 -0.33 10.19
N ASN A 262 -24.59 0.87 10.55
CA ASN A 262 -26.00 1.16 10.78
C ASN A 262 -26.60 2.06 9.71
N THR A 263 -25.79 2.49 8.73
CA THR A 263 -26.24 3.40 7.68
C THR A 263 -26.75 2.68 6.44
N ASN A 264 -26.49 1.39 6.32
CA ASN A 264 -26.92 0.60 5.17
C ASN A 264 -27.75 -0.57 5.66
N ALA A 265 -28.99 -0.67 5.17
CA ALA A 265 -29.89 -1.73 5.63
C ALA A 265 -29.40 -3.11 5.22
N TYR A 266 -28.74 -3.21 4.06
CA TYR A 266 -28.25 -4.51 3.60
C TYR A 266 -27.02 -4.95 4.39
N TYR A 267 -26.27 -4.00 4.93
CA TYR A 267 -25.10 -4.36 5.74
C TYR A 267 -25.52 -4.99 7.06
N GLU A 268 -26.45 -4.35 7.78
CA GLU A 268 -26.87 -4.86 9.08
C GLU A 268 -27.77 -6.09 8.95
N MET A 269 -28.46 -6.24 7.82
CA MET A 269 -29.22 -7.47 7.60
C MET A 269 -28.31 -8.69 7.58
N SER A 270 -27.04 -8.50 7.23
CA SER A 270 -26.03 -9.55 7.33
C SER A 270 -25.02 -9.30 8.44
N GLY A 271 -25.14 -8.18 9.16
CA GLY A 271 -24.21 -7.88 10.24
C GLY A 271 -22.79 -7.59 9.81
N LEU A 272 -22.61 -6.86 8.70
CA LEU A 272 -21.29 -6.59 8.16
C LEU A 272 -20.62 -5.44 8.91
N GLU A 273 -19.38 -5.68 9.34
CA GLU A 273 -18.61 -4.70 10.09
C GLU A 273 -17.38 -4.28 9.29
N VAL A 274 -17.03 -3.00 9.40
CA VAL A 274 -15.91 -2.41 8.67
C VAL A 274 -14.94 -1.82 9.68
N SER A 275 -13.65 -2.14 9.53
CA SER A 275 -12.63 -1.67 10.44
C SER A 275 -12.47 -0.16 10.38
N PHE A 276 -12.06 0.44 11.50
CA PHE A 276 -11.78 1.87 11.52
C PHE A 276 -10.62 2.23 10.59
N GLU A 277 -9.70 1.29 10.38
CA GLU A 277 -8.57 1.56 9.50
C GLU A 277 -9.05 1.82 8.06
N GLU A 278 -10.08 1.09 7.62
CA GLU A 278 -10.59 1.29 6.28
C GLU A 278 -11.37 2.60 6.18
N LEU A 279 -12.19 2.92 7.19
CA LEU A 279 -12.92 4.18 7.18
C LEU A 279 -11.98 5.37 7.20
N ARG A 280 -10.89 5.27 7.96
CA ARG A 280 -9.91 6.34 8.00
C ARG A 280 -9.18 6.46 6.66
N THR A 281 -8.89 5.34 6.01
CA THR A 281 -8.13 5.36 4.77
C THR A 281 -8.95 5.98 3.63
N PHE A 282 -10.26 5.70 3.59
CA PHE A 282 -11.08 6.28 2.54
C PHE A 282 -11.24 7.79 2.74
N GLY A 283 -11.45 8.23 3.98
CA GLY A 283 -11.65 9.63 4.26
C GLY A 283 -13.06 10.09 3.93
N GLY A 284 -13.19 11.40 3.75
CA GLY A 284 -14.48 11.96 3.39
C GLY A 284 -15.51 11.75 4.48
N HIS A 285 -16.72 11.37 4.07
CA HIS A 285 -17.80 11.17 5.02
C HIS A 285 -17.60 9.92 5.87
N ASP A 286 -16.90 8.92 5.33
CA ASP A 286 -16.72 7.66 6.07
C ASP A 286 -15.92 7.87 7.35
N ALA A 287 -14.99 8.84 7.33
CA ALA A 287 -14.07 9.00 8.47
C ALA A 287 -14.80 9.45 9.73
N LYS A 288 -15.93 10.15 9.60
CA LYS A 288 -16.64 10.62 10.77
C LYS A 288 -17.49 9.55 11.44
N PHE A 289 -17.59 8.36 10.85
CA PHE A 289 -18.21 7.24 11.55
C PHE A 289 -17.37 6.80 12.74
N ILE A 290 -16.07 7.09 12.73
CA ILE A 290 -15.21 6.90 13.90
C ILE A 290 -15.51 8.04 14.86
N ASP A 291 -16.07 7.72 16.02
CA ASP A 291 -16.53 8.74 16.95
C ASP A 291 -15.34 9.46 17.61
N SER A 292 -15.58 10.70 18.03
CA SER A 292 -14.50 11.59 18.43
C SER A 292 -13.78 11.12 19.69
N LEU A 293 -14.48 10.42 20.58
CA LEU A 293 -13.83 9.97 21.81
C LEU A 293 -12.86 8.84 21.54
N GLN A 294 -13.17 7.95 20.59
CA GLN A 294 -12.26 6.87 20.26
C GLN A 294 -11.08 7.38 19.45
N GLU A 295 -11.30 8.37 18.58
CA GLU A 295 -10.20 8.97 17.83
C GLU A 295 -9.21 9.64 18.77
N ASN A 296 -9.71 10.29 19.83
CA ASN A 296 -8.82 10.87 20.83
C ASN A 296 -8.06 9.78 21.58
N GLU A 297 -8.70 8.64 21.82
CA GLU A 297 -8.01 7.52 22.47
C GLU A 297 -6.90 6.99 21.58
N PHE A 298 -7.13 6.97 20.26
CA PHE A 298 -6.09 6.51 19.34
C PHE A 298 -4.92 7.48 19.29
N ARG A 299 -5.20 8.79 19.27
CA ARG A 299 -4.13 9.77 19.13
C ARG A 299 -3.24 9.81 20.37
N LEU A 300 -3.83 9.77 21.56
CA LEU A 300 -3.02 9.71 22.77
C LEU A 300 -2.14 8.47 22.79
N TYR A 301 -2.69 7.34 22.34
CA TYR A 301 -1.93 6.09 22.32
C TYR A 301 -0.68 6.22 21.45
N TYR A 302 -0.84 6.68 20.22
CA TYR A 302 0.30 6.82 19.32
C TYR A 302 1.22 7.95 19.76
N TYR A 303 0.69 8.94 20.48
CA TYR A 303 1.54 9.98 21.05
C TYR A 303 2.47 9.40 22.12
N ASN A 304 1.94 8.52 22.96
CA ASN A 304 2.77 7.85 23.96
C ASN A 304 3.81 6.97 23.30
N LYS A 305 3.43 6.22 22.26
CA LYS A 305 4.37 5.36 21.58
C LYS A 305 5.51 6.16 20.95
N PHE A 306 5.25 7.40 20.52
CA PHE A 306 6.31 8.22 19.94
C PHE A 306 7.31 8.67 20.99
N LYS A 307 6.87 8.86 22.24
CA LYS A 307 7.77 9.31 23.29
C LYS A 307 8.68 8.19 23.77
N ASP A 308 8.17 6.96 23.82
CA ASP A 308 9.04 5.83 24.10
C ASP A 308 10.08 5.65 23.01
N ILE A 309 9.73 5.92 21.75
CA ILE A 309 10.72 5.96 20.69
C ILE A 309 11.73 7.07 20.95
N ALA A 310 11.27 8.21 21.46
CA ALA A 310 12.19 9.26 21.88
C ALA A 310 13.00 8.83 23.09
N SER A 311 12.39 8.07 24.00
CA SER A 311 13.08 7.63 25.20
C SER A 311 14.16 6.60 24.88
N THR A 312 13.84 5.62 24.02
CA THR A 312 14.83 4.60 23.68
C THR A 312 15.95 5.19 22.83
N LEU A 313 15.69 6.27 22.10
CA LEU A 313 16.76 6.96 21.39
C LEU A 313 17.62 7.78 22.34
N ASN A 314 17.06 8.22 23.47
CA ASN A 314 17.85 8.93 24.46
C ASN A 314 18.75 7.98 25.23
N LYS A 315 18.23 6.81 25.61
CA LYS A 315 19.00 5.81 26.33
C LYS A 315 19.90 4.98 25.42
N ALA A 316 20.25 5.50 24.24
CA ALA A 316 21.06 4.79 23.28
C ALA A 316 22.36 5.54 23.06
N LYS A 317 23.48 4.91 23.42
CA LYS A 317 24.80 5.46 23.17
C LYS A 317 25.64 4.62 22.21
N SER A 318 25.19 3.43 21.84
CA SER A 318 25.92 2.54 20.95
C SER A 318 25.27 2.50 19.58
N ILE A 319 25.65 1.47 18.81
CA ILE A 319 24.96 1.07 17.59
C ILE A 319 25.57 -0.24 17.11
N VAL A 320 24.77 -1.04 16.40
CA VAL A 320 25.23 -2.31 15.84
C VAL A 320 25.34 -2.13 14.33
N GLY A 321 26.48 -2.56 13.78
CA GLY A 321 26.74 -2.47 12.36
C GLY A 321 27.71 -1.36 12.03
N THR A 322 28.18 -1.39 10.78
CA THR A 322 29.13 -0.40 10.27
C THR A 322 28.61 0.29 9.01
N THR A 323 27.30 0.23 8.78
CA THR A 323 26.70 0.86 7.60
C THR A 323 26.21 2.27 7.87
N ALA A 324 26.21 2.72 9.12
CA ALA A 324 25.75 4.05 9.47
C ALA A 324 26.24 4.40 10.87
N SER A 325 26.41 5.69 11.12
CA SER A 325 26.78 6.15 12.45
C SER A 325 25.57 6.13 13.37
N LEU A 326 25.83 6.38 14.66
CA LEU A 326 24.72 6.59 15.58
C LEU A 326 24.11 7.97 15.40
N GLN A 327 24.94 8.97 15.09
CA GLN A 327 24.43 10.32 14.88
C GLN A 327 23.55 10.38 13.63
N TYR A 328 23.92 9.65 12.58
CA TYR A 328 23.07 9.59 11.40
C TYR A 328 21.78 8.82 11.69
N MET A 329 21.88 7.72 12.44
CA MET A 329 20.69 6.93 12.73
C MET A 329 19.77 7.64 13.70
N LYS A 330 20.34 8.36 14.67
CA LYS A 330 19.51 9.22 15.52
C LYS A 330 18.90 10.35 14.72
N ASN A 331 19.56 10.80 13.66
CA ASN A 331 19.06 11.91 12.86
C ASN A 331 17.91 11.50 11.96
N VAL A 332 18.02 10.35 11.28
CA VAL A 332 16.98 9.96 10.34
C VAL A 332 15.67 9.68 11.06
N PHE A 333 15.74 9.20 12.31
CA PHE A 333 14.51 9.00 13.07
C PHE A 333 13.96 10.30 13.61
N LYS A 334 14.82 11.30 13.82
CA LYS A 334 14.33 12.64 14.16
C LYS A 334 13.57 13.25 13.00
N GLU A 335 14.03 13.00 11.77
CA GLU A 335 13.30 13.49 10.60
C GLU A 335 12.02 12.71 10.35
N LYS A 336 12.02 11.42 10.68
CA LYS A 336 10.83 10.60 10.43
C LYS A 336 9.70 10.97 11.38
N TYR A 337 9.97 10.98 12.68
CA TYR A 337 8.94 11.23 13.69
C TYR A 337 8.84 12.70 14.07
N LEU A 338 9.64 13.58 13.48
CA LEU A 338 9.59 15.02 13.74
C LEU A 338 9.78 15.31 15.23
N LEU A 339 10.79 14.68 15.83
CA LEU A 339 11.10 14.94 17.23
C LEU A 339 11.85 16.26 17.37
N SER A 340 11.80 16.82 18.57
CA SER A 340 12.45 18.08 18.88
C SER A 340 13.77 17.82 19.59
N GLU A 341 14.82 18.50 19.16
CA GLU A 341 16.15 18.37 19.75
C GLU A 341 16.37 19.52 20.73
N ASP A 342 16.63 19.16 21.99
CA ASP A 342 16.88 20.16 23.02
C ASP A 342 18.36 20.55 23.01
N THR A 343 18.78 21.34 23.99
CA THR A 343 20.18 21.77 24.04
C THR A 343 21.07 20.69 24.65
N SER A 344 20.52 19.87 25.55
CA SER A 344 21.28 18.76 26.12
C SER A 344 21.50 17.63 25.13
N GLY A 345 20.79 17.62 24.00
CA GLY A 345 20.97 16.61 22.99
C GLY A 345 19.96 15.49 22.99
N LYS A 346 19.02 15.49 23.93
CA LYS A 346 18.00 14.45 24.03
C LYS A 346 16.72 14.89 23.31
N PHE A 347 16.04 13.92 22.72
CA PHE A 347 14.89 14.19 21.87
C PHE A 347 13.59 14.17 22.68
N SER A 348 12.60 14.91 22.20
CA SER A 348 11.29 14.99 22.82
C SER A 348 10.24 15.02 21.72
N VAL A 349 8.98 14.89 22.12
CA VAL A 349 7.85 14.87 21.20
C VAL A 349 7.03 16.13 21.44
N ASP A 350 7.09 17.06 20.50
CA ASP A 350 6.23 18.24 20.55
C ASP A 350 4.82 17.84 20.15
N LYS A 351 3.84 18.20 20.98
CA LYS A 351 2.45 17.82 20.71
C LYS A 351 1.95 18.48 19.44
N LEU A 352 2.38 19.71 19.17
CA LEU A 352 1.94 20.39 17.95
C LEU A 352 2.51 19.73 16.71
N LYS A 353 3.74 19.22 16.79
CA LYS A 353 4.34 18.55 15.65
C LYS A 353 3.86 17.11 15.49
N PHE A 354 3.52 16.44 16.59
CA PHE A 354 2.95 15.11 16.48
C PHE A 354 1.56 15.16 15.85
N ASP A 355 0.69 16.04 16.36
CA ASP A 355 -0.62 16.22 15.75
C ASP A 355 -0.50 16.61 14.29
N LYS A 356 0.57 17.34 13.94
CA LYS A 356 0.79 17.73 12.54
C LYS A 356 1.08 16.51 11.68
N LEU A 357 2.00 15.66 12.12
CA LEU A 357 2.38 14.49 11.33
C LEU A 357 1.28 13.43 11.36
N TYR A 358 0.63 13.24 12.51
CA TYR A 358 -0.42 12.24 12.62
C TYR A 358 -1.61 12.60 11.72
N LYS A 359 -1.95 13.89 11.65
CA LYS A 359 -3.06 14.31 10.80
C LYS A 359 -2.70 14.16 9.33
N MET A 360 -1.44 14.39 8.97
CA MET A 360 -1.01 14.24 7.59
C MET A 360 -1.16 12.79 7.12
N LEU A 361 -0.80 11.83 7.97
CA LEU A 361 -0.84 10.43 7.58
C LEU A 361 -2.25 9.86 7.60
N THR A 362 -3.14 10.43 8.41
CA THR A 362 -4.47 9.88 8.62
C THR A 362 -5.59 10.67 7.95
N GLU A 363 -5.50 12.00 7.94
CA GLU A 363 -6.57 12.84 7.41
C GLU A 363 -6.25 13.42 6.04
N ILE A 364 -4.99 13.71 5.75
CA ILE A 364 -4.65 14.30 4.45
C ILE A 364 -4.50 13.22 3.39
N TYR A 365 -3.77 12.16 3.70
CA TYR A 365 -3.58 11.04 2.76
C TYR A 365 -4.81 10.15 2.83
N THR A 366 -5.80 10.43 1.99
CA THR A 366 -7.02 9.65 1.94
C THR A 366 -7.37 9.35 0.48
N GLU A 367 -8.16 8.29 0.30
CA GLU A 367 -8.63 7.95 -1.04
C GLU A 367 -9.50 9.06 -1.62
N ASP A 368 -10.37 9.64 -0.80
CA ASP A 368 -11.26 10.70 -1.28
C ASP A 368 -10.47 11.93 -1.73
N ASN A 369 -9.37 12.23 -1.06
CA ASN A 369 -8.56 13.38 -1.46
C ASN A 369 -7.81 13.10 -2.76
N PHE A 370 -7.36 11.86 -2.96
CA PHE A 370 -6.69 11.52 -4.21
C PHE A 370 -7.65 11.58 -5.40
N VAL A 371 -8.93 11.27 -5.17
CA VAL A 371 -9.93 11.41 -6.22
C VAL A 371 -10.01 12.87 -6.68
N LYS A 372 -9.93 13.80 -5.74
CA LYS A 372 -9.99 15.21 -6.09
C LYS A 372 -8.80 15.65 -6.91
N PHE A 373 -7.62 15.08 -6.63
CA PHE A 373 -6.42 15.47 -7.37
C PHE A 373 -6.39 14.83 -8.75
N PHE A 374 -6.85 13.58 -8.88
CA PHE A 374 -6.82 12.89 -10.16
C PHE A 374 -7.92 13.35 -11.11
N LYS A 375 -8.95 14.02 -10.61
CA LYS A 375 -10.10 14.44 -11.42
C LYS A 375 -10.78 13.25 -12.08
N VAL A 376 -11.05 12.22 -11.29
CA VAL A 376 -11.65 10.98 -11.78
C VAL A 376 -12.95 10.73 -11.05
N LEU A 377 -13.77 9.86 -11.65
CA LEU A 377 -14.97 9.35 -11.00
C LEU A 377 -14.59 8.15 -10.14
N ASN A 378 -15.24 8.04 -8.98
CA ASN A 378 -14.85 7.02 -8.01
C ASN A 378 -16.05 6.71 -7.13
N ARG A 379 -15.93 5.60 -6.39
CA ARG A 379 -16.94 5.26 -5.40
C ARG A 379 -17.04 6.37 -4.36
N LYS A 380 -18.27 6.67 -3.95
CA LYS A 380 -18.50 7.75 -3.00
C LYS A 380 -18.26 7.33 -1.55
N THR A 381 -18.24 6.04 -1.28
CA THR A 381 -18.06 5.56 0.09
C THR A 381 -17.48 4.15 0.05
N TYR A 382 -16.78 3.80 1.13
CA TYR A 382 -16.28 2.44 1.30
C TYR A 382 -17.40 1.46 1.61
N LEU A 383 -18.57 1.96 2.00
CA LEU A 383 -19.70 1.11 2.37
C LEU A 383 -20.62 0.92 1.16
N ASN A 384 -20.09 0.25 0.16
CA ASN A 384 -20.84 -0.04 -1.06
C ASN A 384 -20.75 -1.55 -1.33
N PHE A 385 -21.10 -1.95 -2.56
CA PHE A 385 -21.06 -3.34 -2.97
C PHE A 385 -20.35 -3.44 -4.31
N ASP A 386 -19.41 -4.36 -4.41
CA ASP A 386 -18.67 -4.55 -5.65
C ASP A 386 -19.60 -5.01 -6.76
N LYS A 387 -19.31 -4.58 -7.99
CA LYS A 387 -20.14 -4.87 -9.15
C LYS A 387 -19.49 -5.86 -10.11
N ALA A 388 -18.26 -5.59 -10.54
CA ALA A 388 -17.58 -6.45 -11.50
C ALA A 388 -16.08 -6.17 -11.45
N VAL A 389 -15.33 -7.00 -12.16
CA VAL A 389 -13.88 -6.84 -12.30
C VAL A 389 -13.54 -6.93 -13.79
N PHE A 390 -12.70 -6.01 -14.25
CA PHE A 390 -12.33 -5.93 -15.66
C PHE A 390 -10.84 -6.23 -15.85
N LYS A 391 -10.50 -6.73 -17.03
CA LYS A 391 -9.12 -6.85 -17.47
C LYS A 391 -8.78 -5.61 -18.29
N ILE A 392 -7.63 -5.00 -17.97
CA ILE A 392 -7.23 -3.75 -18.60
C ILE A 392 -5.76 -3.85 -19.02
N ASN A 393 -5.31 -2.84 -19.76
CA ASN A 393 -3.92 -2.74 -20.19
C ASN A 393 -3.57 -1.25 -20.25
N ILE A 394 -2.97 -0.75 -19.16
CA ILE A 394 -2.71 0.69 -19.03
C ILE A 394 -1.36 1.11 -19.58
N VAL A 395 -0.53 0.18 -20.02
CA VAL A 395 0.82 0.49 -20.47
C VAL A 395 0.81 1.30 -21.78
N PRO A 396 0.03 0.93 -22.80
CA PRO A 396 0.02 1.73 -24.03
C PRO A 396 -0.54 3.14 -23.77
N LYS A 397 0.14 4.14 -24.31
CA LYS A 397 -0.26 5.52 -24.10
C LYS A 397 -1.58 5.84 -24.79
N VAL A 398 -1.98 5.07 -25.80
CA VAL A 398 -3.28 5.25 -26.43
C VAL A 398 -4.41 4.78 -25.54
N ASN A 399 -4.11 4.07 -24.46
CA ASN A 399 -5.10 3.58 -23.51
C ASN A 399 -5.13 4.37 -22.20
N TYR A 400 -3.96 4.84 -21.74
CA TYR A 400 -3.83 5.35 -20.39
C TYR A 400 -2.54 6.14 -20.29
N THR A 401 -2.60 7.34 -19.72
CA THR A 401 -1.45 8.22 -19.64
C THR A 401 -1.24 8.68 -18.20
N ILE A 402 -0.07 9.29 -17.97
CA ILE A 402 0.30 9.73 -16.62
C ILE A 402 -0.65 10.82 -16.14
N TYR A 403 -0.87 11.84 -16.97
CA TYR A 403 -1.58 13.04 -16.54
C TYR A 403 -3.09 12.94 -16.71
N ASP A 404 -3.60 11.95 -17.44
CA ASP A 404 -5.03 11.84 -17.69
C ASP A 404 -5.64 10.50 -17.30
N GLY A 405 -4.85 9.46 -17.12
CA GLY A 405 -5.43 8.14 -16.88
C GLY A 405 -6.18 7.69 -18.11
N PHE A 406 -7.43 7.25 -17.92
CA PHE A 406 -8.27 6.82 -19.03
C PHE A 406 -8.90 7.97 -19.78
N ASN A 407 -9.09 9.12 -19.12
CA ASN A 407 -9.77 10.26 -19.73
C ASN A 407 -8.77 11.10 -20.52
N LEU A 408 -8.36 10.55 -21.67
CA LEU A 408 -7.35 11.18 -22.50
C LEU A 408 -7.84 12.52 -23.03
N ARG A 409 -7.00 13.55 -22.90
CA ARG A 409 -7.35 14.88 -23.36
C ARG A 409 -7.41 14.93 -24.88
N ASN A 410 -8.20 15.88 -25.39
CA ASN A 410 -8.31 16.15 -26.82
C ASN A 410 -8.84 14.95 -27.60
N THR A 411 -9.59 14.08 -26.93
CA THR A 411 -10.32 12.99 -27.57
C THR A 411 -11.75 12.99 -27.01
N ASN A 412 -12.57 12.07 -27.53
CA ASN A 412 -13.94 11.96 -27.04
C ASN A 412 -14.01 11.41 -25.61
N LEU A 413 -12.89 10.91 -25.08
CA LEU A 413 -12.87 10.37 -23.72
C LEU A 413 -12.45 11.41 -22.69
N ALA A 414 -12.26 12.67 -23.09
CA ALA A 414 -11.74 13.67 -22.16
C ALA A 414 -12.80 14.12 -21.17
N ALA A 415 -14.01 14.37 -21.64
CA ALA A 415 -15.06 14.96 -20.82
C ALA A 415 -15.98 13.87 -20.25
N ASN A 416 -16.66 14.23 -19.16
CA ASN A 416 -17.68 13.41 -18.52
C ASN A 416 -17.15 12.05 -18.06
N PHE A 417 -15.84 11.94 -17.83
CA PHE A 417 -15.20 10.68 -17.46
C PHE A 417 -15.52 9.58 -18.48
N ASN A 418 -15.56 9.98 -19.76
CA ASN A 418 -15.90 9.02 -20.81
C ASN A 418 -14.87 7.92 -20.93
N GLY A 419 -13.62 8.19 -20.54
CA GLY A 419 -12.61 7.15 -20.55
C GLY A 419 -12.87 6.05 -19.54
N GLN A 420 -13.45 6.41 -18.40
CA GLN A 420 -13.83 5.41 -17.39
C GLN A 420 -15.17 4.75 -17.70
N ASN A 421 -15.90 5.25 -18.70
CA ASN A 421 -17.19 4.68 -19.07
C ASN A 421 -16.93 3.42 -19.89
N THR A 422 -17.14 2.26 -19.28
CA THR A 422 -16.86 0.99 -19.95
C THR A 422 -17.80 0.71 -21.11
N GLU A 423 -18.89 1.47 -21.25
CA GLU A 423 -19.77 1.33 -22.40
C GLU A 423 -19.34 2.21 -23.57
N ILE A 424 -18.73 3.36 -23.29
CA ILE A 424 -18.21 4.20 -24.35
C ILE A 424 -16.81 3.75 -24.76
N ASN A 425 -15.94 3.53 -23.79
CA ASN A 425 -14.57 3.06 -24.03
C ASN A 425 -14.49 1.54 -23.79
N ASN A 426 -15.34 0.81 -24.53
CA ASN A 426 -15.47 -0.63 -24.29
C ASN A 426 -14.22 -1.39 -24.69
N MET A 427 -13.48 -0.92 -25.69
CA MET A 427 -12.29 -1.62 -26.15
C MET A 427 -11.16 -1.63 -25.12
N ASN A 428 -11.29 -0.87 -24.04
CA ASN A 428 -10.28 -0.79 -23.00
C ASN A 428 -10.59 -1.67 -21.80
N PHE A 429 -11.76 -2.31 -21.77
CA PHE A 429 -12.17 -3.12 -20.64
C PHE A 429 -12.80 -4.41 -21.11
N THR A 430 -12.44 -5.51 -20.46
CA THR A 430 -13.03 -6.82 -20.71
C THR A 430 -13.58 -7.34 -19.39
N LYS A 431 -14.91 -7.42 -19.28
CA LYS A 431 -15.53 -7.87 -18.04
C LYS A 431 -15.30 -9.36 -17.85
N LEU A 432 -14.72 -9.72 -16.71
CA LEU A 432 -14.38 -11.11 -16.42
C LEU A 432 -15.36 -11.80 -15.49
N LYS A 433 -15.94 -11.07 -14.54
CA LYS A 433 -16.84 -11.68 -13.57
C LYS A 433 -17.77 -10.62 -12.99
N ASN A 434 -19.03 -10.99 -12.82
CA ASN A 434 -20.02 -10.14 -12.19
C ASN A 434 -20.18 -10.52 -10.73
N PHE A 435 -20.26 -9.51 -9.87
CA PHE A 435 -20.48 -9.74 -8.44
C PHE A 435 -21.89 -9.39 -7.98
N THR A 436 -22.65 -8.64 -8.78
CA THR A 436 -23.98 -8.19 -8.37
C THR A 436 -24.92 -9.37 -8.23
N GLY A 437 -25.63 -9.42 -7.10
CA GLY A 437 -26.61 -10.45 -6.84
C GLY A 437 -26.07 -11.68 -6.15
N LEU A 438 -24.75 -11.87 -6.13
CA LEU A 438 -24.15 -13.05 -5.53
C LEU A 438 -23.91 -12.88 -4.04
N PHE A 439 -24.36 -11.78 -3.45
CA PHE A 439 -24.20 -11.55 -2.02
C PHE A 439 -25.15 -12.42 -1.20
#